data_5P97
#
_entry.id   5P97
#
_cell.length_a   50.234
_cell.length_b   53.978
_cell.length_c   80.025
_cell.angle_alpha   90.000
_cell.angle_beta   90.000
_cell.angle_gamma   90.000
#
_symmetry.space_group_name_H-M   'P 21 21 21'
#
loop_
_entity.id
_entity.type
_entity.pdbx_description
1 polymer 'Catechol O-methyltransferase'
2 non-polymer 'MAGNESIUM ION'
3 non-polymer 'CHLORIDE ION'
4 non-polymer '2-[N-CYCLOHEXYLAMINO]ETHANE SULFONIC ACID'
5 non-polymer 'SULFATE ION'
6 non-polymer 5-(4-fluorophenyl)-2,3-dihydroxy-N-[(1-methylimidazol-4-yl)methyl]benzamide
7 water water
#
_entity_poly.entity_id   1
_entity_poly.type   'polypeptide(L)'
_entity_poly.pdbx_seq_one_letter_code
;MGDTKEQRILRYVQQNAKPGDPQSVLEAIDTYCTQKEWAMNVGDAKGQIMDAVIREYSPSLVLELGAYCGYSAVRMARLL
QPGARLLTMEMNPDYAAITQQMLNFAGLQDKVTILNGASQDLIPQLKKKYDVDTLDMVFLDHWKDRYLPDTLLLEKCGLL
RKGTVLLADNVIVPGTPDFLAYVRGSSSFECTHYSSYLEYMKVVDGLEKAIYQGPSSPDKS
;
_entity_poly.pdbx_strand_id   A
#
loop_
_chem_comp.id
_chem_comp.type
_chem_comp.name
_chem_comp.formula
77K non-polymer 5-(4-fluorophenyl)-2,3-dihydroxy-N-[(1-methylimidazol-4-yl)methyl]benzamide 'C18 H16 F N3 O3'
CL non-polymer 'CHLORIDE ION' 'Cl -1'
MG non-polymer 'MAGNESIUM ION' 'Mg 2'
NHE non-polymer '2-[N-CYCLOHEXYLAMINO]ETHANE SULFONIC ACID' 'C8 H17 N O3 S'
SO4 non-polymer 'SULFATE ION' 'O4 S -2'
#
# COMPACT_ATOMS: atom_id res chain seq x y z
N ASP A 3 -7.35 -25.24 0.14
CA ASP A 3 -7.39 -23.77 0.38
C ASP A 3 -6.43 -23.03 -0.57
N THR A 4 -6.40 -21.71 -0.46
CA THR A 4 -5.56 -20.87 -1.30
C THR A 4 -4.31 -20.47 -0.55
N LYS A 5 -3.34 -19.98 -1.31
CA LYS A 5 -2.12 -19.45 -0.73
C LYS A 5 -2.43 -18.38 0.31
N GLU A 6 -3.40 -17.51 0.01
CA GLU A 6 -3.71 -16.40 0.89
C GLU A 6 -4.33 -16.89 2.19
N GLN A 7 -5.20 -17.90 2.12
CA GLN A 7 -5.72 -18.54 3.33
C GLN A 7 -4.62 -19.18 4.15
N ARG A 8 -3.65 -19.78 3.48
CA ARG A 8 -2.52 -20.42 4.17
C ARG A 8 -1.63 -19.39 4.89
N ILE A 9 -1.46 -18.22 4.26
CA ILE A 9 -0.71 -17.14 4.87
C ILE A 9 -1.44 -16.66 6.13
N LEU A 10 -2.75 -16.43 6.01
CA LEU A 10 -3.54 -15.96 7.16
C LEU A 10 -3.45 -16.95 8.35
N ARG A 11 -3.64 -18.21 8.05
CA ARG A 11 -3.57 -19.25 9.07
C ARG A 11 -2.18 -19.29 9.73
N TYR A 12 -1.13 -19.18 8.95
CA TYR A 12 0.22 -19.12 9.49
C TYR A 12 0.39 -17.98 10.48
N VAL A 13 -0.10 -16.79 10.12
CA VAL A 13 -0.03 -15.63 10.99
C VAL A 13 -0.75 -15.92 12.30
N GLN A 14 -1.97 -16.44 12.18
CA GLN A 14 -2.77 -16.71 13.36
C GLN A 14 -2.11 -17.69 14.32
N GLN A 15 -1.24 -18.54 13.77
CA GLN A 15 -0.61 -19.59 14.57
C GLN A 15 0.85 -19.36 14.92
N ASN A 16 1.43 -18.26 14.42
CA ASN A 16 2.84 -17.96 14.61
C ASN A 16 3.11 -16.52 14.99
N ALA A 17 2.06 -15.73 15.19
CA ALA A 17 2.22 -14.36 15.63
C ALA A 17 1.39 -14.19 16.88
N LYS A 18 1.59 -13.06 17.54
CA LYS A 18 0.87 -12.75 18.76
C LYS A 18 -0.28 -11.80 18.42
N PRO A 19 -1.53 -12.18 18.79
CA PRO A 19 -2.65 -11.27 18.51
C PRO A 19 -2.38 -9.89 19.09
N GLY A 20 -2.70 -8.86 18.31
CA GLY A 20 -2.50 -7.47 18.74
C GLY A 20 -1.06 -6.97 18.61
N ASP A 21 -0.20 -7.74 17.97
CA ASP A 21 1.23 -7.42 17.84
C ASP A 21 1.56 -7.35 16.35
N PRO A 22 1.41 -6.16 15.76
CA PRO A 22 1.64 -6.02 14.31
C PRO A 22 3.03 -6.45 13.84
N GLN A 23 4.07 -6.14 14.60
CA GLN A 23 5.41 -6.53 14.19
CA GLN A 23 5.42 -6.53 14.21
C GLN A 23 5.49 -8.04 14.06
N SER A 24 4.85 -8.78 14.98
CA SER A 24 4.91 -10.25 14.90
C SER A 24 4.14 -10.78 13.69
N VAL A 25 3.10 -10.06 13.30
CA VAL A 25 2.35 -10.40 12.09
C VAL A 25 3.21 -10.24 10.85
N LEU A 26 3.93 -9.12 10.75
CA LEU A 26 4.80 -8.89 9.58
C LEU A 26 5.88 -9.96 9.50
N GLU A 27 6.46 -10.27 10.65
CA GLU A 27 7.55 -11.26 10.71
C GLU A 27 7.04 -12.62 10.27
N ALA A 28 5.83 -12.97 10.71
CA ALA A 28 5.27 -14.27 10.35
C ALA A 28 5.02 -14.36 8.83
N ILE A 29 4.49 -13.29 8.24
CA ILE A 29 4.24 -13.30 6.80
C ILE A 29 5.55 -13.41 6.04
N ASP A 30 6.54 -12.64 6.42
CA ASP A 30 7.86 -12.68 5.78
C ASP A 30 8.49 -14.06 5.90
N THR A 31 8.37 -14.69 7.06
CA THR A 31 8.91 -16.03 7.22
C THR A 31 8.19 -17.03 6.32
N TYR A 32 6.86 -16.95 6.29
CA TYR A 32 6.10 -17.87 5.47
C TYR A 32 6.45 -17.71 4.00
N CYS A 33 6.57 -16.46 3.55
CA CYS A 33 6.78 -16.24 2.13
C CYS A 33 8.22 -16.48 1.68
N THR A 34 9.15 -16.51 2.63
CA THR A 34 10.53 -16.86 2.34
C THR A 34 10.74 -18.37 2.37
N GLN A 35 10.07 -19.05 3.30
CA GLN A 35 10.35 -20.46 3.56
C GLN A 35 9.35 -21.40 2.89
N LYS A 36 8.12 -20.95 2.67
CA LYS A 36 7.06 -21.83 2.21
C LYS A 36 6.57 -21.49 0.82
N GLU A 37 5.91 -20.34 0.65
CA GLU A 37 5.33 -19.94 -0.64
C GLU A 37 5.49 -18.45 -0.87
N TRP A 38 6.12 -18.08 -1.98
CA TRP A 38 6.26 -16.67 -2.37
C TRP A 38 4.88 -16.04 -2.49
N ALA A 39 4.77 -14.76 -2.12
CA ALA A 39 3.56 -14.01 -2.37
C ALA A 39 3.90 -12.54 -2.57
N MET A 40 3.03 -11.84 -3.29
CA MET A 40 3.29 -10.46 -3.71
CA MET A 40 3.25 -10.46 -3.72
CA MET A 40 3.25 -10.46 -3.73
CA MET A 40 3.30 -10.46 -3.71
C MET A 40 3.03 -9.43 -2.61
N ASN A 41 3.45 -9.70 -1.39
CA ASN A 41 3.45 -8.70 -0.32
C ASN A 41 4.61 -7.77 -0.60
N VAL A 42 4.58 -6.54 -0.09
CA VAL A 42 5.66 -5.59 -0.41
CA VAL A 42 5.65 -5.58 -0.35
C VAL A 42 7.00 -6.12 0.12
N GLY A 43 6.95 -6.89 1.21
CA GLY A 43 8.15 -7.51 1.75
C GLY A 43 8.93 -6.61 2.67
N ASP A 44 9.93 -7.18 3.31
CA ASP A 44 10.72 -6.46 4.29
C ASP A 44 11.65 -5.40 3.72
N ALA A 45 12.26 -5.66 2.57
CA ALA A 45 13.27 -4.73 2.02
C ALA A 45 12.56 -3.43 1.64
N LYS A 46 11.57 -3.53 0.79
CA LYS A 46 10.81 -2.36 0.42
C LYS A 46 9.96 -1.85 1.59
N GLY A 47 9.53 -2.75 2.48
CA GLY A 47 8.81 -2.38 3.69
C GLY A 47 9.56 -1.44 4.59
N GLN A 48 10.86 -1.63 4.72
CA GLN A 48 11.67 -0.73 5.53
C GLN A 48 11.71 0.66 4.92
N ILE A 49 11.73 0.77 3.60
CA ILE A 49 11.66 2.06 2.93
C ILE A 49 10.31 2.72 3.18
N MET A 50 9.23 1.95 3.03
CA MET A 50 7.90 2.45 3.36
CA MET A 50 7.89 2.42 3.36
C MET A 50 7.82 2.97 4.78
N ASP A 51 8.38 2.22 5.72
CA ASP A 51 8.35 2.64 7.13
C ASP A 51 9.03 4.02 7.27
N ALA A 52 10.19 4.19 6.65
CA ALA A 52 10.93 5.43 6.73
C ALA A 52 10.13 6.60 6.15
N VAL A 53 9.42 6.37 5.06
CA VAL A 53 8.58 7.38 4.47
C VAL A 53 7.39 7.72 5.37
N ILE A 54 6.73 6.70 5.91
CA ILE A 54 5.59 6.92 6.81
C ILE A 54 6.02 7.75 8.01
N ARG A 55 7.16 7.37 8.60
CA ARG A 55 7.66 8.09 9.77
CA ARG A 55 7.67 8.09 9.77
C ARG A 55 8.04 9.53 9.43
N GLU A 56 8.54 9.78 8.23
CA GLU A 56 8.92 11.14 7.83
C GLU A 56 7.68 12.05 7.77
N TYR A 57 6.59 11.54 7.19
CA TYR A 57 5.43 12.36 6.90
C TYR A 57 4.31 12.25 7.95
N SER A 58 4.30 11.22 8.79
CA SER A 58 3.24 11.02 9.79
C SER A 58 1.86 11.37 9.27
N PRO A 59 1.46 10.75 8.15
CA PRO A 59 0.21 11.12 7.50
C PRO A 59 -0.99 10.84 8.38
N SER A 60 -1.97 11.74 8.33
CA SER A 60 -3.21 11.56 9.09
C SER A 60 -4.24 10.69 8.36
N LEU A 61 -4.19 10.72 7.04
CA LEU A 61 -5.11 9.94 6.19
C LEU A 61 -4.33 9.38 4.99
N VAL A 62 -4.24 8.05 4.94
CA VAL A 62 -3.56 7.31 3.90
C VAL A 62 -4.59 6.51 3.11
N LEU A 63 -4.42 6.48 1.79
CA LEU A 63 -5.17 5.59 0.92
C LEU A 63 -4.21 4.59 0.33
N GLU A 64 -4.56 3.31 0.40
CA GLU A 64 -3.83 2.26 -0.27
C GLU A 64 -4.69 1.66 -1.37
N LEU A 65 -4.12 1.54 -2.56
CA LEU A 65 -4.75 0.86 -3.67
C LEU A 65 -4.13 -0.51 -3.80
N GLY A 66 -4.91 -1.54 -3.53
CA GLY A 66 -4.42 -2.92 -3.65
C GLY A 66 -3.96 -3.59 -2.37
N ALA A 67 -4.90 -3.88 -1.48
CA ALA A 67 -4.55 -4.42 -0.16
C ALA A 67 -3.88 -5.78 -0.19
N TYR A 68 -4.33 -6.63 -1.10
CA TYR A 68 -3.93 -8.02 -1.17
C TYR A 68 -4.26 -8.78 0.12
N CYS A 69 -3.27 -9.17 0.92
CA CYS A 69 -3.53 -9.85 2.19
C CYS A 69 -3.38 -8.93 3.39
N GLY A 70 -3.10 -7.65 3.18
CA GLY A 70 -3.04 -6.71 4.28
C GLY A 70 -1.66 -6.49 4.86
N TYR A 71 -0.62 -7.05 4.25
CA TYR A 71 0.74 -6.84 4.76
C TYR A 71 1.12 -5.36 4.85
N SER A 72 0.95 -4.63 3.74
CA SER A 72 1.31 -3.23 3.73
CA SER A 72 1.31 -3.22 3.73
C SER A 72 0.36 -2.42 4.60
N ALA A 73 -0.89 -2.83 4.71
CA ALA A 73 -1.84 -2.13 5.58
C ALA A 73 -1.41 -2.27 7.05
N VAL A 74 -1.00 -3.48 7.45
CA VAL A 74 -0.44 -3.66 8.79
C VAL A 74 0.82 -2.83 8.96
N ARG A 75 1.69 -2.85 7.95
CA ARG A 75 2.94 -2.13 8.02
CA ARG A 75 2.97 -2.11 8.00
C ARG A 75 2.72 -0.64 8.25
N MET A 76 1.84 -0.03 7.46
CA MET A 76 1.59 1.40 7.58
C MET A 76 0.80 1.72 8.83
N ALA A 77 -0.27 0.97 9.08
CA ALA A 77 -1.17 1.32 10.17
C ALA A 77 -0.52 1.23 11.54
N ARG A 78 0.48 0.34 11.66
CA ARG A 78 1.19 0.20 12.96
C ARG A 78 2.01 1.44 13.30
N LEU A 79 2.31 2.28 12.30
CA LEU A 79 3.15 3.45 12.50
C LEU A 79 2.35 4.76 12.48
N LEU A 80 1.06 4.67 12.21
CA LEU A 80 0.21 5.86 12.26
C LEU A 80 0.04 6.38 13.67
N GLN A 81 0.00 7.70 13.79
CA GLN A 81 -0.24 8.36 15.07
C GLN A 81 -1.67 8.10 15.55
N PRO A 82 -1.92 8.31 16.85
CA PRO A 82 -3.30 8.14 17.33
C PRO A 82 -4.28 9.04 16.57
N GLY A 83 -5.40 8.48 16.16
CA GLY A 83 -6.43 9.20 15.41
C GLY A 83 -6.27 9.12 13.91
N ALA A 84 -5.04 8.84 13.43
CA ALA A 84 -4.76 8.77 11.99
C ALA A 84 -5.36 7.49 11.44
N ARG A 85 -5.66 7.51 10.14
CA ARG A 85 -6.44 6.44 9.52
C ARG A 85 -5.91 6.04 8.16
N LEU A 86 -6.19 4.78 7.84
CA LEU A 86 -5.87 4.17 6.55
C LEU A 86 -7.14 3.66 5.91
N LEU A 87 -7.33 4.01 4.65
CA LEU A 87 -8.37 3.40 3.82
C LEU A 87 -7.64 2.56 2.80
N THR A 88 -8.02 1.30 2.63
CA THR A 88 -7.39 0.44 1.67
C THR A 88 -8.44 -0.23 0.79
N MET A 89 -8.15 -0.28 -0.51
CA MET A 89 -9.08 -0.75 -1.53
C MET A 89 -8.54 -2.07 -2.09
N GLU A 90 -9.44 -3.04 -2.25
CA GLU A 90 -9.09 -4.34 -2.83
C GLU A 90 -10.24 -4.86 -3.67
N MET A 91 -9.98 -5.08 -4.95
CA MET A 91 -11.06 -5.50 -5.84
CA MET A 91 -11.00 -5.52 -5.90
C MET A 91 -11.45 -6.97 -5.69
N ASN A 92 -10.53 -7.80 -5.21
CA ASN A 92 -10.81 -9.23 -5.06
C ASN A 92 -11.47 -9.48 -3.71
N PRO A 93 -12.72 -9.95 -3.69
CA PRO A 93 -13.42 -10.10 -2.43
C PRO A 93 -12.77 -11.11 -1.48
N ASP A 94 -12.18 -12.17 -2.02
CA ASP A 94 -11.50 -13.13 -1.18
C ASP A 94 -10.31 -12.48 -0.50
N TYR A 95 -9.56 -11.67 -1.22
CA TYR A 95 -8.42 -10.97 -0.64
C TYR A 95 -8.87 -9.92 0.34
N ALA A 96 -9.96 -9.22 0.04
CA ALA A 96 -10.47 -8.22 0.96
C ALA A 96 -10.81 -8.87 2.30
N ALA A 97 -11.41 -10.05 2.26
CA ALA A 97 -11.75 -10.77 3.50
C ALA A 97 -10.49 -11.22 4.25
N ILE A 98 -9.46 -11.66 3.54
CA ILE A 98 -8.19 -12.00 4.18
C ILE A 98 -7.61 -10.76 4.87
N THR A 99 -7.60 -9.65 4.16
CA THR A 99 -7.06 -8.39 4.68
C THR A 99 -7.79 -7.99 5.96
N GLN A 100 -9.12 -8.04 5.96
CA GLN A 100 -9.87 -7.71 7.17
C GLN A 100 -9.46 -8.60 8.34
N GLN A 101 -9.36 -9.89 8.10
CA GLN A 101 -9.00 -10.83 9.15
C GLN A 101 -7.57 -10.62 9.65
N MET A 102 -6.69 -10.22 8.76
CA MET A 102 -5.30 -9.94 9.09
C MET A 102 -5.20 -8.72 9.99
N LEU A 103 -5.94 -7.69 9.62
CA LEU A 103 -6.05 -6.49 10.43
C LEU A 103 -6.67 -6.75 11.80
N ASN A 104 -7.75 -7.53 11.83
CA ASN A 104 -8.35 -7.95 13.08
C ASN A 104 -7.35 -8.65 13.98
N PHE A 105 -6.62 -9.61 13.44
CA PHE A 105 -5.64 -10.33 14.24
C PHE A 105 -4.57 -9.39 14.78
N ALA A 106 -4.11 -8.47 13.94
CA ALA A 106 -3.09 -7.50 14.32
C ALA A 106 -3.58 -6.45 15.33
N GLY A 107 -4.89 -6.37 15.53
CA GLY A 107 -5.48 -5.39 16.42
C GLY A 107 -5.55 -3.99 15.84
N LEU A 108 -5.51 -3.88 14.50
CA LEU A 108 -5.46 -2.59 13.83
C LEU A 108 -6.78 -2.21 13.18
N GLN A 109 -7.82 -2.98 13.45
CA GLN A 109 -9.10 -2.81 12.75
C GLN A 109 -9.75 -1.45 13.00
N ASP A 110 -9.44 -0.79 14.12
CA ASP A 110 -10.04 0.53 14.38
C ASP A 110 -9.39 1.64 13.56
N LYS A 111 -8.18 1.38 13.08
CA LYS A 111 -7.39 2.37 12.32
C LYS A 111 -7.54 2.24 10.82
N VAL A 112 -8.07 1.11 10.36
CA VAL A 112 -8.08 0.80 8.94
C VAL A 112 -9.48 0.45 8.47
N THR A 113 -9.85 0.94 7.30
CA THR A 113 -11.09 0.52 6.65
C THR A 113 -10.72 -0.17 5.36
N ILE A 114 -11.15 -1.40 5.17
CA ILE A 114 -10.85 -2.14 3.96
C ILE A 114 -12.11 -2.14 3.12
N LEU A 115 -12.01 -1.55 1.93
CA LEU A 115 -13.12 -1.43 1.02
C LEU A 115 -12.96 -2.44 -0.11
N ASN A 116 -14.01 -3.20 -0.38
CA ASN A 116 -14.02 -4.20 -1.43
C ASN A 116 -14.60 -3.62 -2.71
N GLY A 117 -13.76 -3.45 -3.73
CA GLY A 117 -14.20 -2.89 -4.98
C GLY A 117 -13.00 -2.42 -5.79
N ALA A 118 -13.22 -2.19 -7.07
CA ALA A 118 -12.19 -1.62 -7.95
C ALA A 118 -11.94 -0.18 -7.56
N SER A 119 -10.67 0.21 -7.56
CA SER A 119 -10.31 1.55 -7.11
CA SER A 119 -10.29 1.55 -7.14
C SER A 119 -10.98 2.62 -7.99
N GLN A 120 -11.09 2.37 -9.28
CA GLN A 120 -11.73 3.33 -10.17
C GLN A 120 -13.20 3.60 -9.84
N ASP A 121 -13.86 2.63 -9.23
CA ASP A 121 -15.24 2.76 -8.81
C ASP A 121 -15.39 3.41 -7.42
N LEU A 122 -14.44 3.12 -6.53
CA LEU A 122 -14.51 3.63 -5.14
C LEU A 122 -13.93 5.04 -5.00
N ILE A 123 -12.91 5.38 -5.78
CA ILE A 123 -12.27 6.70 -5.62
C ILE A 123 -13.30 7.86 -5.74
N PRO A 124 -14.21 7.80 -6.73
CA PRO A 124 -15.20 8.89 -6.84
C PRO A 124 -16.19 8.98 -5.69
N GLN A 125 -16.23 7.98 -4.81
CA GLN A 125 -17.14 7.97 -3.65
C GLN A 125 -16.47 8.45 -2.37
N LEU A 126 -15.15 8.66 -2.39
CA LEU A 126 -14.44 8.94 -1.15
C LEU A 126 -14.90 10.23 -0.47
N LYS A 127 -15.13 11.28 -1.23
CA LYS A 127 -15.54 12.54 -0.59
C LYS A 127 -16.91 12.49 0.04
N LYS A 128 -17.90 11.97 -0.68
CA LYS A 128 -19.26 12.03 -0.15
C LYS A 128 -19.58 10.85 0.76
N LYS A 129 -19.17 9.64 0.40
CA LYS A 129 -19.48 8.46 1.19
C LYS A 129 -18.53 8.23 2.37
N TYR A 130 -17.26 8.52 2.20
CA TYR A 130 -16.27 8.21 3.24
C TYR A 130 -15.73 9.46 3.92
N ASP A 131 -16.37 10.60 3.63
CA ASP A 131 -16.10 11.87 4.30
C ASP A 131 -14.64 12.32 4.19
N VAL A 132 -14.03 12.04 3.05
CA VAL A 132 -12.65 12.46 2.82
C VAL A 132 -12.61 13.86 2.24
N ASP A 133 -11.68 14.69 2.73
CA ASP A 133 -11.39 15.97 2.08
C ASP A 133 -10.24 15.75 1.11
N THR A 134 -9.00 15.74 1.60
CA THR A 134 -7.86 15.38 0.78
C THR A 134 -7.02 14.32 1.48
N LEU A 135 -6.20 13.64 0.69
CA LEU A 135 -5.37 12.56 1.18
C LEU A 135 -3.97 13.09 1.48
N ASP A 136 -3.37 12.60 2.56
CA ASP A 136 -2.00 12.94 2.92
C ASP A 136 -0.99 12.06 2.19
N MET A 137 -1.38 10.83 1.90
CA MET A 137 -0.48 9.87 1.27
CA MET A 137 -0.49 9.87 1.27
C MET A 137 -1.31 8.83 0.55
N VAL A 138 -0.78 8.36 -0.57
CA VAL A 138 -1.40 7.27 -1.34
C VAL A 138 -0.33 6.23 -1.64
N PHE A 139 -0.60 4.97 -1.30
CA PHE A 139 0.27 3.86 -1.63
C PHE A 139 -0.37 3.08 -2.78
N LEU A 140 0.33 3.03 -3.91
CA LEU A 140 -0.15 2.34 -5.10
CA LEU A 140 -0.15 2.35 -5.10
C LEU A 140 0.51 0.98 -5.21
N ASP A 141 -0.33 -0.05 -5.20
CA ASP A 141 0.17 -1.42 -5.23
C ASP A 141 -0.81 -2.38 -5.87
N HIS A 142 -1.71 -1.85 -6.69
CA HIS A 142 -2.72 -2.66 -7.32
C HIS A 142 -2.25 -3.05 -8.74
N TRP A 143 -3.16 -3.32 -9.66
CA TRP A 143 -2.76 -3.65 -11.02
C TRP A 143 -1.89 -2.55 -11.61
N LYS A 144 -0.76 -2.91 -12.21
CA LYS A 144 0.22 -1.90 -12.61
C LYS A 144 -0.31 -0.99 -13.70
N ASP A 145 -1.23 -1.48 -14.51
CA ASP A 145 -1.82 -0.65 -15.54
C ASP A 145 -2.89 0.29 -15.02
N ARG A 146 -3.18 0.24 -13.72
CA ARG A 146 -4.11 1.16 -13.09
C ARG A 146 -3.44 2.31 -12.34
N TYR A 147 -2.12 2.29 -12.16
CA TYR A 147 -1.47 3.36 -11.40
C TYR A 147 -1.72 4.72 -12.03
N LEU A 148 -1.48 4.84 -13.33
CA LEU A 148 -1.65 6.13 -13.98
C LEU A 148 -3.12 6.58 -14.04
N PRO A 149 -4.03 5.74 -14.56
CA PRO A 149 -5.41 6.23 -14.62
C PRO A 149 -5.98 6.57 -13.25
N ASP A 150 -5.64 5.79 -12.24
CA ASP A 150 -6.17 6.09 -10.90
C ASP A 150 -5.54 7.35 -10.28
N THR A 151 -4.26 7.62 -10.57
CA THR A 151 -3.63 8.87 -10.16
C THR A 151 -4.37 10.06 -10.79
N LEU A 152 -4.66 9.97 -12.08
CA LEU A 152 -5.37 11.05 -12.76
C LEU A 152 -6.77 11.22 -12.22
N LEU A 153 -7.40 10.11 -11.86
CA LEU A 153 -8.72 10.15 -11.24
C LEU A 153 -8.71 10.79 -9.84
N LEU A 154 -7.71 10.45 -9.04
CA LEU A 154 -7.56 11.11 -7.74
C LEU A 154 -7.48 12.62 -7.88
N GLU A 155 -6.71 13.09 -8.86
CA GLU A 155 -6.62 14.53 -9.08
C GLU A 155 -7.94 15.11 -9.53
N LYS A 156 -8.61 14.45 -10.47
CA LYS A 156 -9.88 14.94 -11.00
C LYS A 156 -10.87 15.10 -9.87
N CYS A 157 -10.87 14.15 -8.93
CA CYS A 157 -11.82 14.13 -7.83
C CYS A 157 -11.45 15.11 -6.71
N GLY A 158 -10.33 15.82 -6.84
CA GLY A 158 -9.97 16.84 -5.84
C GLY A 158 -9.41 16.24 -4.56
N LEU A 159 -8.85 15.02 -4.65
CA LEU A 159 -8.39 14.30 -3.46
C LEU A 159 -6.93 14.54 -3.14
N LEU A 160 -6.20 15.15 -4.07
CA LEU A 160 -4.79 15.49 -3.87
C LEU A 160 -4.66 16.95 -3.45
N ARG A 161 -3.71 17.22 -2.59
CA ARG A 161 -3.35 18.57 -2.17
C ARG A 161 -1.85 18.77 -2.34
N LYS A 162 -1.40 20.00 -2.22
CA LYS A 162 0.03 20.29 -2.22
C LYS A 162 0.71 19.53 -1.10
N GLY A 163 1.68 18.69 -1.47
CA GLY A 163 2.38 17.87 -0.49
C GLY A 163 1.87 16.44 -0.38
N THR A 164 0.74 16.10 -1.00
CA THR A 164 0.29 14.69 -0.98
C THR A 164 1.39 13.79 -1.52
N VAL A 165 1.75 12.78 -0.74
CA VAL A 165 2.83 11.87 -1.10
C VAL A 165 2.22 10.64 -1.79
N LEU A 166 2.56 10.42 -3.04
CA LEU A 166 2.28 9.14 -3.70
C LEU A 166 3.51 8.27 -3.54
N LEU A 167 3.32 7.02 -3.13
CA LEU A 167 4.41 6.05 -3.05
C LEU A 167 3.94 4.82 -3.83
N ALA A 168 4.68 4.45 -4.86
CA ALA A 168 4.31 3.41 -5.82
C ALA A 168 5.25 2.22 -5.73
N ASP A 169 4.68 1.03 -5.51
CA ASP A 169 5.45 -0.20 -5.50
C ASP A 169 5.69 -0.66 -6.92
N ASN A 170 6.72 -1.47 -7.08
CA ASN A 170 6.92 -2.24 -8.30
C ASN A 170 7.18 -1.42 -9.55
N VAL A 171 7.89 -0.30 -9.41
CA VAL A 171 8.14 0.55 -10.58
C VAL A 171 9.26 -0.03 -11.47
N ILE A 172 9.93 -1.08 -11.02
CA ILE A 172 10.87 -1.80 -11.88
C ILE A 172 10.30 -3.17 -12.30
N VAL A 173 9.83 -3.95 -11.33
CA VAL A 173 9.24 -5.27 -11.60
C VAL A 173 7.94 -5.41 -10.81
N PRO A 174 6.79 -5.67 -11.49
CA PRO A 174 6.63 -5.80 -12.94
C PRO A 174 6.87 -4.53 -13.74
N GLY A 175 6.93 -3.38 -13.08
CA GLY A 175 7.06 -2.11 -13.76
C GLY A 175 5.72 -1.47 -14.02
N THR A 176 5.74 -0.15 -14.14
CA THR A 176 4.53 0.63 -14.42
CA THR A 176 4.54 0.66 -14.38
C THR A 176 4.98 1.78 -15.32
N PRO A 177 5.30 1.45 -16.57
CA PRO A 177 6.03 2.41 -17.40
C PRO A 177 5.30 3.70 -17.71
N ASP A 178 4.00 3.64 -17.90
CA ASP A 178 3.25 4.87 -18.20
C ASP A 178 3.20 5.78 -16.97
N PHE A 179 2.91 5.22 -15.81
CA PHE A 179 2.90 5.99 -14.59
C PHE A 179 4.25 6.65 -14.35
N LEU A 180 5.30 5.85 -14.44
CA LEU A 180 6.62 6.32 -14.10
C LEU A 180 7.05 7.46 -15.02
N ALA A 181 6.85 7.30 -16.32
CA ALA A 181 7.17 8.34 -17.27
C ALA A 181 6.37 9.59 -17.01
N TYR A 182 5.11 9.39 -16.69
CA TYR A 182 4.23 10.50 -16.46
C TYR A 182 4.64 11.33 -15.27
N VAL A 183 4.82 10.70 -14.11
CA VAL A 183 5.13 11.51 -12.92
C VAL A 183 6.50 12.15 -13.06
N ARG A 184 7.46 11.43 -13.65
CA ARG A 184 8.82 12.00 -13.79
C ARG A 184 8.86 13.15 -14.77
N GLY A 185 7.93 13.18 -15.72
CA GLY A 185 7.87 14.26 -16.71
C GLY A 185 6.96 15.41 -16.35
N SER A 186 6.25 15.31 -15.23
CA SER A 186 5.23 16.30 -14.86
C SER A 186 5.72 17.32 -13.86
N SER A 187 5.45 18.59 -14.14
CA SER A 187 5.75 19.68 -13.23
CA SER A 187 5.81 19.65 -13.21
C SER A 187 4.92 19.65 -11.96
N SER A 188 3.82 18.87 -11.98
CA SER A 188 2.96 18.72 -10.80
C SER A 188 3.44 17.66 -9.82
N PHE A 189 4.57 17.01 -10.09
CA PHE A 189 5.12 16.02 -9.18
C PHE A 189 6.61 16.24 -9.00
N GLU A 190 7.08 16.05 -7.76
CA GLU A 190 8.50 16.00 -7.47
CA GLU A 190 8.50 16.00 -7.47
C GLU A 190 8.80 14.56 -7.09
N CYS A 191 9.67 13.90 -7.87
CA CYS A 191 9.86 12.44 -7.76
C CYS A 191 11.22 12.05 -7.20
N THR A 192 11.22 10.95 -6.45
CA THR A 192 12.41 10.35 -5.90
C THR A 192 12.28 8.84 -6.09
N HIS A 193 13.37 8.20 -6.53
CA HIS A 193 13.40 6.77 -6.71
C HIS A 193 14.18 6.10 -5.59
N TYR A 194 13.57 5.10 -4.97
CA TYR A 194 14.21 4.31 -3.90
CA TYR A 194 14.17 4.32 -3.88
C TYR A 194 14.44 2.91 -4.41
N SER A 195 15.69 2.63 -4.77
CA SER A 195 16.02 1.32 -5.33
C SER A 195 16.02 0.28 -4.22
N SER A 196 15.50 -0.91 -4.52
CA SER A 196 15.40 -1.95 -3.52
C SER A 196 15.38 -3.30 -4.23
N TYR A 197 14.67 -4.24 -3.63
CA TYR A 197 14.55 -5.58 -4.16
C TYR A 197 13.12 -6.05 -4.11
N LEU A 198 12.77 -6.84 -5.12
CA LEU A 198 11.51 -7.54 -5.16
C LEU A 198 11.35 -8.37 -3.90
N GLU A 199 10.14 -8.37 -3.34
CA GLU A 199 9.85 -9.09 -2.13
C GLU A 199 10.36 -10.51 -2.23
N TYR A 200 11.15 -10.90 -1.23
CA TYR A 200 11.60 -12.28 -1.01
C TYR A 200 12.51 -12.81 -2.12
N MET A 201 13.04 -11.92 -2.96
N MET A 201 13.09 -11.92 -2.91
CA MET A 201 13.79 -12.32 -4.17
CA MET A 201 13.92 -12.34 -4.02
C MET A 201 15.05 -11.47 -4.32
C MET A 201 15.11 -11.47 -4.26
N LYS A 202 16.10 -12.06 -4.89
CA LYS A 202 17.32 -11.33 -5.26
C LYS A 202 17.12 -10.80 -6.69
N VAL A 203 16.19 -9.87 -6.82
CA VAL A 203 15.83 -9.22 -8.07
C VAL A 203 15.62 -7.77 -7.73
N VAL A 204 16.21 -6.88 -8.50
CA VAL A 204 16.07 -5.43 -8.22
C VAL A 204 14.66 -4.96 -8.48
N ASP A 205 14.12 -4.18 -7.55
CA ASP A 205 12.86 -3.48 -7.77
C ASP A 205 13.01 -2.09 -7.15
N GLY A 206 11.95 -1.33 -7.03
CA GLY A 206 12.06 -0.03 -6.38
C GLY A 206 10.72 0.58 -6.18
N LEU A 207 10.73 1.57 -5.29
CA LEU A 207 9.59 2.41 -5.02
C LEU A 207 9.81 3.77 -5.64
N GLU A 208 8.74 4.38 -6.12
CA GLU A 208 8.82 5.78 -6.54
C GLU A 208 7.97 6.62 -5.61
N LYS A 209 8.55 7.69 -5.07
CA LYS A 209 7.80 8.67 -4.32
C LYS A 209 7.55 9.83 -5.27
N ALA A 210 6.31 10.27 -5.38
CA ALA A 210 5.93 11.39 -6.25
C ALA A 210 5.10 12.33 -5.40
N ILE A 211 5.63 13.52 -5.10
CA ILE A 211 4.95 14.45 -4.22
C ILE A 211 4.17 15.42 -5.09
N TYR A 212 2.87 15.48 -4.88
CA TYR A 212 2.03 16.35 -5.68
C TYR A 212 2.27 17.82 -5.33
N GLN A 213 2.40 18.61 -6.38
CA GLN A 213 2.72 20.04 -6.27
C GLN A 213 1.55 20.97 -6.55
N GLY A 214 0.36 20.43 -6.81
CA GLY A 214 -0.79 21.26 -7.20
C GLY A 214 -0.81 21.44 -8.72
N PRO A 215 -1.79 22.20 -9.23
CA PRO A 215 -1.89 22.45 -10.70
C PRO A 215 -0.79 23.34 -11.29
MG MG B . 3.59 -4.81 -5.04
CL CL C . 11.97 -8.97 1.31
CL CL D . 1.35 -5.93 0.64
CL CL E . -8.43 -1.91 -8.83
C3' NHE F . 7.65 -14.95 -8.59
C2' NHE F . 7.11 -16.10 -7.75
C1' NHE F . 7.59 -17.46 -8.25
C6' NHE F . 9.10 -17.49 -8.16
N NHE F . 6.91 -18.56 -7.53
C1 NHE F . 7.44 -19.33 -6.41
C2 NHE F . 6.71 -20.68 -6.21
S NHE F . 6.68 -21.17 -4.61
O1 NHE F . 8.00 -20.95 -3.96
O2 NHE F . 5.75 -20.20 -3.99
O3 NHE F . 6.08 -22.50 -4.40
C5' NHE F . 9.70 -16.38 -9.04
C4' NHE F . 9.16 -14.98 -8.75
S SO4 G . -6.77 5.38 17.56
O1 SO4 G . -6.13 5.90 16.36
O2 SO4 G . -6.38 6.20 18.70
O3 SO4 G . -8.23 5.43 17.40
O4 SO4 G . -6.34 3.99 17.76
S SO4 H . -3.57 -21.65 -4.70
O1 SO4 H . -3.53 -20.27 -4.19
O2 SO4 H . -2.65 -21.77 -5.84
O3 SO4 H . -4.93 -22.01 -5.12
O4 SO4 H . -3.17 -22.62 -3.66
C4 77K I . 3.01 -8.33 -8.88
C5 77K I . 2.28 -7.39 -8.16
C6 77K I . 2.86 -6.76 -7.05
C7 77K I . 5.08 -9.67 -9.27
C8 77K I . 6.46 -9.52 -9.39
C10 77K I . 6.56 -11.56 -10.61
C20 77K I . -2.16 -7.38 -8.10
C22 77K I . -3.92 -8.61 -8.20
C24 77K I . -1.30 -6.15 -8.17
C1 77K I . 4.15 -7.13 -6.67
C2 77K I . 4.86 -8.07 -7.38
C3 77K I . 4.29 -8.66 -8.52
C9 77K I . 7.20 -10.47 -10.05
C11 77K I . 5.18 -11.70 -10.51
C12 77K I . 4.43 -10.75 -9.84
F13 77K I . 7.28 -12.51 -11.26
O14 77K I . 4.69 -6.54 -5.58
O15 77K I . 2.19 -5.86 -6.27
C16 77K I . 0.91 -7.11 -8.63
N17 77K I . 0.09 -6.44 -7.80
O18 77K I . 0.51 -7.52 -9.71
N19 77K I . -3.48 -7.39 -8.34
N21 77K I . -2.89 -9.40 -7.80
C23 77K I . -1.78 -8.61 -7.75
C25 77K I . -3.02 -10.84 -7.53
#